data_3QP2
#
_entry.id   3QP2
#
_cell.length_a   55.580
_cell.length_b   55.907
_cell.length_c   124.988
_cell.angle_alpha   90.00
_cell.angle_beta   90.00
_cell.angle_gamma   90.00
#
_symmetry.space_group_name_H-M   'I 2 2 2'
#
loop_
_entity.id
_entity.type
_entity.pdbx_description
1 polymer 'CviR transcriptional regulator'
2 non-polymer N-(2-OXOTETRAHYDROFURAN-3-YL)OCTANAMIDE
3 water water
#
_entity_poly.entity_id   1
_entity_poly.type   'polypeptide(L)'
_entity_poly.pdbx_seq_one_letter_code
;GSHMRPLPAGLTASQQWTLLEWIHMAGHIETENELKAFLDQVLSQAPSERLLLALGRLNNQNQIQRLERVLNVSYPSDWL
DQYMKENYAQHDPILRIHLGQGPVMWEERFNRAKGAEEKRFIAEATQNGMGSGITFSAASERNNIGSILSIAGREPGRNA
ALVAMLNCLTPHLHQAAIRVAN
;
_entity_poly.pdbx_strand_id   A
#
loop_
_chem_comp.id
_chem_comp.type
_chem_comp.name
_chem_comp.formula
HTF non-polymer N-(2-OXOTETRAHYDROFURAN-3-YL)OCTANAMIDE 'C12 H21 N O3'
#
# COMPACT_ATOMS: atom_id res chain seq x y z
N MET A 4 -16.53 -7.45 -2.77
CA MET A 4 -16.52 -6.01 -2.56
C MET A 4 -16.51 -5.67 -1.08
N ARG A 5 -15.46 -4.98 -0.63
CA ARG A 5 -15.36 -4.58 0.76
C ARG A 5 -16.41 -3.51 1.09
N PRO A 6 -17.09 -3.64 2.24
CA PRO A 6 -18.15 -2.69 2.57
C PRO A 6 -17.61 -1.30 2.88
N LEU A 7 -18.40 -0.28 2.56
CA LEU A 7 -18.05 1.09 2.91
C LEU A 7 -18.05 1.23 4.43
N PRO A 8 -17.24 2.17 4.94
CA PRO A 8 -17.07 2.39 6.38
C PRO A 8 -18.35 2.95 7.01
N ALA A 9 -18.59 2.59 8.27
CA ALA A 9 -19.62 3.25 9.04
C ALA A 9 -18.94 4.31 9.90
N GLY A 10 -19.70 5.33 10.28
CA GLY A 10 -19.23 6.30 11.26
C GLY A 10 -18.45 7.47 10.73
N LEU A 11 -18.31 7.58 9.40
CA LEU A 11 -17.62 8.73 8.82
C LEU A 11 -18.45 10.00 9.01
N THR A 12 -17.79 11.12 9.29
CA THR A 12 -18.46 12.42 9.28
C THR A 12 -18.85 12.75 7.84
N ALA A 13 -19.70 13.74 7.66
CA ALA A 13 -20.11 14.14 6.32
C ALA A 13 -18.91 14.61 5.50
N SER A 14 -17.95 15.22 6.16
CA SER A 14 -16.74 15.70 5.48
C SER A 14 -15.89 14.52 5.02
N GLN A 15 -15.78 13.50 5.86
CA GLN A 15 -15.02 12.31 5.52
C GLN A 15 -15.70 11.51 4.43
N GLN A 16 -17.02 11.46 4.48
CA GLN A 16 -17.76 10.76 3.43
C GLN A 16 -17.52 11.46 2.11
N TRP A 17 -17.53 12.78 2.14
CA TRP A 17 -17.32 13.55 0.92
C TRP A 17 -15.90 13.38 0.39
N THR A 18 -14.91 13.39 1.28
CA THR A 18 -13.55 13.12 0.85
C THR A 18 -13.44 11.76 0.14
N LEU A 19 -14.05 10.73 0.73
CA LEU A 19 -13.97 9.39 0.16
C LEU A 19 -14.68 9.33 -1.20
N LEU A 20 -15.83 9.98 -1.28
CA LEU A 20 -16.56 10.10 -2.53
C LEU A 20 -15.71 10.78 -3.61
N GLU A 21 -15.08 11.90 -3.27
CA GLU A 21 -14.17 12.56 -4.21
C GLU A 21 -13.01 11.68 -4.62
N TRP A 22 -12.44 10.94 -3.66
CA TRP A 22 -11.31 10.06 -3.95
C TRP A 22 -11.69 8.97 -4.95
N ILE A 23 -12.80 8.29 -4.70
CA ILE A 23 -13.18 7.21 -5.61
C ILE A 23 -13.63 7.74 -6.96
N HIS A 24 -14.28 8.90 -6.95
CA HIS A 24 -14.68 9.56 -8.19
C HIS A 24 -13.46 9.92 -9.02
N MET A 25 -12.47 10.53 -8.39
CA MET A 25 -11.24 10.91 -9.06
C MET A 25 -10.50 9.67 -9.55
N ALA A 26 -10.45 8.65 -8.72
CA ALA A 26 -9.68 7.44 -9.08
C ALA A 26 -10.22 6.85 -10.36
N GLY A 27 -11.53 6.85 -10.52
CA GLY A 27 -12.15 6.29 -11.71
C GLY A 27 -11.89 7.05 -12.98
N HIS A 28 -11.26 8.23 -12.88
CA HIS A 28 -10.94 9.05 -14.05
C HIS A 28 -9.45 8.98 -14.40
N ILE A 29 -8.68 8.28 -13.59
CA ILE A 29 -7.23 8.20 -13.80
C ILE A 29 -6.90 7.30 -14.99
N GLU A 30 -6.12 7.85 -15.92
CA GLU A 30 -5.77 7.15 -17.14
C GLU A 30 -4.27 7.06 -17.35
N THR A 31 -3.54 8.04 -16.83
CA THR A 31 -2.09 8.12 -17.05
C THR A 31 -1.30 8.07 -15.75
N GLU A 32 -0.02 7.73 -15.85
CA GLU A 32 0.83 7.65 -14.68
C GLU A 32 0.98 9.04 -14.06
N ASN A 33 0.98 10.07 -14.89
CA ASN A 33 0.98 11.45 -14.42
C ASN A 33 -0.18 11.69 -13.48
N GLU A 34 -1.37 11.34 -13.94
CA GLU A 34 -2.60 11.53 -13.19
C GLU A 34 -2.59 10.69 -11.92
N LEU A 35 -2.09 9.46 -12.02
CA LEU A 35 -2.06 8.57 -10.88
C LEU A 35 -1.13 9.12 -9.80
N LYS A 36 0.03 9.63 -10.23
CA LYS A 36 0.97 10.24 -9.31
C LYS A 36 0.38 11.47 -8.62
N ALA A 37 -0.23 12.35 -9.41
CA ALA A 37 -0.84 13.57 -8.88
C ALA A 37 -1.95 13.24 -7.88
N PHE A 38 -2.73 12.21 -8.18
CA PHE A 38 -3.82 11.84 -7.28
C PHE A 38 -3.28 11.34 -5.94
N LEU A 39 -2.25 10.51 -6.00
CA LEU A 39 -1.67 9.96 -4.79
C LEU A 39 -1.03 11.05 -3.92
N ASP A 40 -0.50 12.08 -4.56
CA ASP A 40 0.00 13.25 -3.84
C ASP A 40 -1.14 13.91 -3.07
N GLN A 41 -2.27 14.04 -3.76
CA GLN A 41 -3.50 14.58 -3.17
C GLN A 41 -3.96 13.78 -1.95
N VAL A 42 -4.00 12.46 -2.09
CA VAL A 42 -4.39 11.58 -0.97
C VAL A 42 -3.38 11.72 0.16
N LEU A 43 -2.11 11.70 -0.20
CA LEU A 43 -1.02 11.84 0.77
C LEU A 43 -1.21 13.05 1.67
N SER A 44 -1.58 14.18 1.06
CA SER A 44 -1.74 15.45 1.78
C SER A 44 -2.85 15.41 2.83
N GLN A 45 -3.61 14.32 2.85
CA GLN A 45 -4.72 14.13 3.79
C GLN A 45 -4.43 13.14 4.93
N ALA A 46 -3.25 12.53 4.92
CA ALA A 46 -2.92 11.48 5.89
C ALA A 46 -1.74 11.87 6.78
N PRO A 47 -1.74 11.39 8.04
CA PRO A 47 -0.67 11.69 9.00
C PRO A 47 0.59 10.88 8.69
N SER A 48 1.03 10.99 7.46
CA SER A 48 2.24 10.34 7.01
C SER A 48 2.81 11.14 5.85
N GLU A 49 4.09 10.95 5.60
CA GLU A 49 4.66 11.57 4.43
C GLU A 49 5.24 10.52 3.49
N ARG A 50 5.00 9.23 3.79
CA ARG A 50 5.65 8.16 3.01
C ARG A 50 4.67 7.14 2.42
N LEU A 51 4.49 7.21 1.12
CA LEU A 51 3.49 6.37 0.46
C LEU A 51 4.07 5.73 -0.80
N LEU A 52 3.64 4.50 -1.09
CA LEU A 52 4.11 3.78 -2.28
C LEU A 52 2.99 2.87 -2.77
N LEU A 53 2.83 2.78 -4.08
CA LEU A 53 1.86 1.87 -4.67
C LEU A 53 2.60 0.90 -5.57
N ALA A 54 2.25 -0.39 -5.50
CA ALA A 54 2.87 -1.35 -6.39
C ALA A 54 1.86 -2.32 -6.98
N LEU A 55 2.13 -2.75 -8.22
CA LEU A 55 1.29 -3.71 -8.92
C LEU A 55 2.11 -4.98 -9.13
N GLY A 56 1.50 -6.14 -8.91
CA GLY A 56 2.24 -7.38 -9.09
C GLY A 56 1.41 -8.53 -9.62
N ARG A 57 2.07 -9.48 -10.27
CA ARG A 57 1.40 -10.72 -10.69
C ARG A 57 1.36 -11.62 -9.47
N LEU A 58 0.29 -12.39 -9.31
CA LEU A 58 0.07 -13.15 -8.08
C LEU A 58 0.22 -14.65 -8.28
N ASN A 59 0.61 -15.35 -7.22
CA ASN A 59 0.59 -16.80 -7.23
C ASN A 59 -0.82 -17.30 -6.93
N ASN A 60 -0.99 -18.60 -6.75
CA ASN A 60 -2.33 -19.13 -6.50
C ASN A 60 -2.91 -18.79 -5.13
N GLN A 61 -2.08 -18.23 -4.25
CA GLN A 61 -2.55 -17.82 -2.92
C GLN A 61 -2.66 -16.30 -2.81
N ASN A 62 -2.73 -15.63 -3.96
CA ASN A 62 -2.86 -14.20 -4.03
C ASN A 62 -1.68 -13.42 -3.45
N GLN A 63 -0.50 -14.03 -3.43
CA GLN A 63 0.69 -13.30 -2.99
C GLN A 63 1.44 -12.81 -4.22
N ILE A 64 2.13 -11.69 -4.09
CA ILE A 64 2.93 -11.17 -5.21
C ILE A 64 4.08 -12.12 -5.54
N GLN A 65 4.16 -12.55 -6.81
CA GLN A 65 5.27 -13.40 -7.24
C GLN A 65 6.23 -12.63 -8.15
N ARG A 66 5.74 -11.53 -8.71
CA ARG A 66 6.54 -10.69 -9.59
C ARG A 66 6.00 -9.27 -9.50
N LEU A 67 6.87 -8.32 -9.18
CA LEU A 67 6.46 -6.92 -9.17
C LEU A 67 6.46 -6.37 -10.59
N GLU A 68 5.33 -5.84 -11.02
CA GLU A 68 5.15 -5.34 -12.38
C GLU A 68 5.48 -3.85 -12.48
N ARG A 69 5.03 -3.09 -11.50
CA ARG A 69 5.15 -1.64 -11.53
C ARG A 69 5.25 -1.17 -10.11
N VAL A 70 6.19 -0.27 -9.85
CA VAL A 70 6.28 0.36 -8.54
C VAL A 70 6.12 1.84 -8.76
N LEU A 71 5.14 2.44 -8.11
CA LEU A 71 4.99 3.88 -8.15
C LEU A 71 5.34 4.47 -6.79
N ASN A 72 6.57 4.95 -6.66
CA ASN A 72 6.98 5.57 -5.42
C ASN A 72 6.46 6.99 -5.36
N VAL A 73 5.65 7.27 -4.36
CA VAL A 73 5.14 8.62 -4.21
C VAL A 73 6.06 9.40 -3.28
N SER A 74 6.41 8.81 -2.15
CA SER A 74 7.22 9.54 -1.16
C SER A 74 8.08 8.70 -0.21
N TYR A 75 8.29 7.41 -0.53
CA TYR A 75 9.34 6.67 0.15
C TYR A 75 10.66 7.37 -0.15
N PRO A 76 11.56 7.45 0.85
CA PRO A 76 12.89 8.01 0.60
C PRO A 76 13.60 7.22 -0.49
N SER A 77 14.15 7.91 -1.49
CA SER A 77 14.80 7.24 -2.61
C SER A 77 15.99 6.39 -2.17
N ASP A 78 16.67 6.80 -1.11
CA ASP A 78 17.79 6.02 -0.61
C ASP A 78 17.35 4.68 -0.01
N TRP A 79 16.19 4.65 0.65
CA TRP A 79 15.62 3.40 1.16
C TRP A 79 15.27 2.46 -0.01
N LEU A 80 14.66 3.01 -1.05
CA LEU A 80 14.29 2.21 -2.21
C LEU A 80 15.52 1.65 -2.92
N ASP A 81 16.53 2.49 -3.07
CA ASP A 81 17.81 2.04 -3.61
C ASP A 81 18.41 0.88 -2.81
N GLN A 82 18.35 0.98 -1.48
CA GLN A 82 18.87 -0.07 -0.61
C GLN A 82 18.05 -1.35 -0.72
N TYR A 83 16.74 -1.19 -0.73
CA TYR A 83 15.79 -2.28 -0.85
C TYR A 83 16.07 -3.11 -2.11
N MET A 84 16.27 -2.42 -3.22
N MET A 84 16.29 -2.42 -3.21
CA MET A 84 16.57 -3.12 -4.46
CA MET A 84 16.58 -3.08 -4.48
C MET A 84 17.98 -3.70 -4.42
C MET A 84 17.99 -3.67 -4.49
N LYS A 85 18.95 -2.89 -4.01
CA LYS A 85 20.35 -3.31 -3.98
C LYS A 85 20.60 -4.54 -3.09
N GLU A 86 19.89 -4.61 -1.96
CA GLU A 86 20.11 -5.68 -1.01
C GLU A 86 19.04 -6.79 -1.12
N ASN A 87 18.25 -6.71 -2.18
CA ASN A 87 17.22 -7.72 -2.48
C ASN A 87 16.28 -7.99 -1.31
N TYR A 88 15.80 -6.93 -0.68
CA TYR A 88 14.88 -7.05 0.44
C TYR A 88 13.52 -7.63 0.06
N ALA A 89 13.18 -7.58 -1.23
CA ALA A 89 11.90 -8.11 -1.66
C ALA A 89 11.76 -9.56 -1.20
N GLN A 90 12.88 -10.25 -1.12
CA GLN A 90 12.85 -11.65 -0.73
C GLN A 90 12.61 -11.88 0.76
N HIS A 91 12.84 -10.85 1.59
CA HIS A 91 12.76 -11.01 3.04
C HIS A 91 11.70 -10.15 3.72
N ASP A 92 11.13 -9.21 2.97
CA ASP A 92 10.17 -8.24 3.51
C ASP A 92 8.85 -8.95 3.75
N PRO A 93 8.46 -9.12 5.03
CA PRO A 93 7.20 -9.80 5.37
C PRO A 93 5.99 -9.16 4.67
N ILE A 94 6.07 -7.86 4.36
CA ILE A 94 4.96 -7.18 3.68
C ILE A 94 4.71 -7.73 2.27
N LEU A 95 5.76 -8.16 1.57
CA LEU A 95 5.56 -8.74 0.24
C LEU A 95 5.02 -10.15 0.27
N ARG A 96 4.84 -10.71 1.46
CA ARG A 96 4.24 -12.04 1.60
C ARG A 96 2.77 -11.99 2.00
N ILE A 97 2.18 -10.80 2.08
CA ILE A 97 0.78 -10.69 2.40
C ILE A 97 -0.07 -11.37 1.32
N HIS A 98 -1.18 -11.97 1.76
CA HIS A 98 -2.16 -12.49 0.83
C HIS A 98 -3.08 -11.33 0.45
N LEU A 99 -2.88 -10.81 -0.76
CA LEU A 99 -3.58 -9.61 -1.18
C LEU A 99 -5.09 -9.78 -1.18
N GLY A 100 -5.79 -8.74 -0.70
CA GLY A 100 -7.24 -8.73 -0.63
C GLY A 100 -7.78 -9.36 0.64
N GLN A 101 -6.91 -9.59 1.63
CA GLN A 101 -7.31 -10.25 2.87
C GLN A 101 -7.45 -9.26 4.03
N GLY A 102 -7.44 -7.98 3.72
CA GLY A 102 -7.59 -6.94 4.72
C GLY A 102 -6.30 -6.17 4.99
N PRO A 103 -6.39 -4.98 5.61
CA PRO A 103 -5.22 -4.14 5.89
C PRO A 103 -4.27 -4.81 6.85
N VAL A 104 -2.98 -4.64 6.62
CA VAL A 104 -1.99 -5.30 7.45
C VAL A 104 -1.15 -4.25 8.15
N MET A 105 -1.17 -4.29 9.48
CA MET A 105 -0.35 -3.41 10.30
C MET A 105 1.05 -3.99 10.40
N TRP A 106 2.06 -3.19 10.09
CA TRP A 106 3.42 -3.71 9.97
C TRP A 106 3.98 -4.19 11.31
N GLU A 107 3.77 -3.40 12.37
CA GLU A 107 4.33 -3.77 13.66
C GLU A 107 3.85 -5.14 14.11
N GLU A 108 2.57 -5.41 13.91
CA GLU A 108 2.00 -6.71 14.23
C GLU A 108 2.64 -7.81 13.40
N ARG A 109 2.78 -7.57 12.10
CA ARG A 109 3.38 -8.55 11.21
C ARG A 109 4.88 -8.75 11.54
N PHE A 110 5.58 -7.67 11.82
CA PHE A 110 7.02 -7.75 12.11
C PHE A 110 7.30 -8.50 13.41
N ASN A 111 6.46 -8.29 14.41
CA ASN A 111 6.62 -8.96 15.69
C ASN A 111 6.52 -10.49 15.59
N ARG A 112 6.02 -10.97 14.46
CA ARG A 112 5.82 -12.41 14.25
C ARG A 112 6.96 -13.05 13.47
N ALA A 113 7.80 -12.24 12.85
CA ALA A 113 8.86 -12.76 11.98
C ALA A 113 9.77 -13.76 12.71
N LYS A 114 10.07 -14.88 12.04
CA LYS A 114 10.86 -15.95 12.64
C LYS A 114 12.28 -16.01 12.10
N GLY A 115 12.43 -15.87 10.79
CA GLY A 115 13.71 -16.05 10.13
C GLY A 115 14.74 -14.99 10.44
N ALA A 116 16.02 -15.38 10.38
CA ALA A 116 17.13 -14.47 10.66
C ALA A 116 17.18 -13.34 9.65
N GLU A 117 16.94 -13.68 8.38
CA GLU A 117 16.96 -12.72 7.29
C GLU A 117 15.82 -11.71 7.42
N GLU A 118 14.67 -12.20 7.88
CA GLU A 118 13.52 -11.33 8.06
C GLU A 118 13.79 -10.37 9.22
N LYS A 119 14.38 -10.88 10.30
CA LYS A 119 14.72 -10.04 11.44
C LYS A 119 15.73 -8.95 11.05
N ARG A 120 16.71 -9.33 10.24
CA ARG A 120 17.70 -8.39 9.73
C ARG A 120 17.00 -7.27 8.96
N PHE A 121 16.13 -7.66 8.04
CA PHE A 121 15.38 -6.66 7.25
C PHE A 121 14.59 -5.73 8.17
N ILE A 122 13.89 -6.31 9.12
CA ILE A 122 13.05 -5.52 10.03
C ILE A 122 13.91 -4.53 10.79
N ALA A 123 15.09 -4.98 11.24
CA ALA A 123 16.01 -4.10 11.95
C ALA A 123 16.42 -2.92 11.08
N GLU A 124 16.72 -3.20 9.81
CA GLU A 124 17.17 -2.17 8.90
C GLU A 124 16.02 -1.23 8.53
N ALA A 125 14.84 -1.81 8.29
CA ALA A 125 13.66 -0.97 8.02
C ALA A 125 13.39 -0.03 9.17
N THR A 126 13.48 -0.54 10.40
CA THR A 126 13.25 0.24 11.60
C THR A 126 14.22 1.41 11.69
N GLN A 127 15.50 1.16 11.43
CA GLN A 127 16.51 2.23 11.42
C GLN A 127 16.21 3.32 10.41
N ASN A 128 15.55 2.93 9.32
CA ASN A 128 15.20 3.85 8.24
C ASN A 128 13.83 4.51 8.34
N GLY A 129 13.22 4.43 9.51
CA GLY A 129 11.93 5.06 9.72
C GLY A 129 10.77 4.27 9.11
N MET A 130 11.02 3.01 8.79
CA MET A 130 10.03 2.16 8.14
C MET A 130 9.56 1.01 9.02
N GLY A 131 9.65 1.18 10.33
CA GLY A 131 9.33 0.10 11.27
C GLY A 131 7.85 -0.02 11.54
N SER A 132 7.11 1.04 11.23
CA SER A 132 5.67 1.07 11.50
C SER A 132 4.96 1.54 10.25
N GLY A 133 3.77 0.99 10.01
CA GLY A 133 2.99 1.40 8.86
C GLY A 133 1.82 0.47 8.61
N ILE A 134 1.18 0.65 7.45
CA ILE A 134 0.05 -0.17 7.07
C ILE A 134 0.10 -0.44 5.57
N THR A 135 -0.30 -1.63 5.17
CA THR A 135 -0.43 -1.94 3.75
C THR A 135 -1.85 -2.41 3.41
N PHE A 136 -2.48 -1.71 2.47
CA PHE A 136 -3.79 -2.10 1.96
C PHE A 136 -3.59 -2.85 0.67
N SER A 137 -4.56 -3.67 0.29
CA SER A 137 -4.39 -4.44 -0.94
C SER A 137 -5.69 -4.80 -1.63
N ALA A 138 -5.58 -5.11 -2.92
CA ALA A 138 -6.70 -5.62 -3.71
C ALA A 138 -6.17 -6.62 -4.71
N ALA A 139 -6.99 -7.59 -5.09
CA ALA A 139 -6.55 -8.59 -6.06
C ALA A 139 -7.65 -8.86 -7.07
N SER A 140 -7.26 -9.10 -8.33
CA SER A 140 -8.18 -9.44 -9.41
C SER A 140 -7.93 -10.86 -9.90
N GLU A 141 -8.98 -11.69 -9.90
CA GLU A 141 -8.87 -13.01 -10.49
C GLU A 141 -8.84 -12.93 -12.02
N ARG A 142 -9.61 -11.97 -12.54
CA ARG A 142 -9.67 -11.72 -13.98
C ARG A 142 -8.32 -11.95 -14.65
N ASN A 143 -7.30 -11.25 -14.15
CA ASN A 143 -5.98 -11.34 -14.77
C ASN A 143 -4.83 -11.61 -13.79
N ASN A 144 -5.14 -12.21 -12.64
CA ASN A 144 -4.09 -12.69 -11.76
C ASN A 144 -3.17 -11.58 -11.26
N ILE A 145 -3.74 -10.42 -10.97
CA ILE A 145 -2.94 -9.24 -10.67
C ILE A 145 -3.46 -8.56 -9.42
N GLY A 146 -2.55 -7.98 -8.64
CA GLY A 146 -2.94 -7.34 -7.40
C GLY A 146 -2.14 -6.09 -7.13
N SER A 147 -2.65 -5.26 -6.23
CA SER A 147 -2.00 -4.01 -5.90
C SER A 147 -1.84 -3.90 -4.42
N ILE A 148 -0.75 -3.29 -3.98
CA ILE A 148 -0.59 -2.93 -2.58
C ILE A 148 -0.40 -1.41 -2.48
N LEU A 149 -1.02 -0.82 -1.46
CA LEU A 149 -0.81 0.58 -1.15
C LEU A 149 -0.22 0.63 0.24
N SER A 150 1.01 1.14 0.36
CA SER A 150 1.72 1.14 1.63
C SER A 150 1.89 2.56 2.11
N ILE A 151 1.63 2.76 3.40
CA ILE A 151 1.85 4.05 4.03
C ILE A 151 2.64 3.82 5.30
N ALA A 152 3.78 4.51 5.41
CA ALA A 152 4.67 4.33 6.55
C ALA A 152 4.39 5.35 7.65
N GLY A 153 4.53 4.92 8.90
CA GLY A 153 4.28 5.77 10.05
C GLY A 153 3.35 5.10 11.05
N ARG A 154 3.27 5.66 12.25
CA ARG A 154 2.40 5.10 13.29
C ARG A 154 1.02 5.72 13.32
N GLU A 155 0.94 6.97 12.91
CA GLU A 155 -0.30 7.72 13.05
C GLU A 155 -1.44 7.28 12.11
N PRO A 156 -1.10 6.82 10.89
CA PRO A 156 -2.22 6.42 10.02
C PRO A 156 -3.08 5.34 10.69
N GLY A 157 -2.42 4.32 11.22
CA GLY A 157 -3.10 3.18 11.80
C GLY A 157 -3.97 3.54 12.99
N ARG A 158 -3.67 4.66 13.63
CA ARG A 158 -4.39 5.11 14.83
C ARG A 158 -5.63 5.92 14.50
N ASN A 159 -5.84 6.20 13.22
CA ASN A 159 -7.02 6.93 12.76
C ASN A 159 -7.93 5.94 12.06
N ALA A 160 -8.88 5.40 12.81
CA ALA A 160 -9.74 4.34 12.30
C ALA A 160 -10.45 4.77 11.03
N ALA A 161 -10.90 6.02 10.99
CA ALA A 161 -11.61 6.54 9.82
C ALA A 161 -10.75 6.58 8.56
N LEU A 162 -9.53 7.09 8.71
CA LEU A 162 -8.61 7.18 7.61
C LEU A 162 -8.27 5.79 7.07
N VAL A 163 -8.00 4.86 7.98
CA VAL A 163 -7.74 3.47 7.60
C VAL A 163 -8.90 2.91 6.76
N ALA A 164 -10.13 3.11 7.24
CA ALA A 164 -11.29 2.58 6.55
C ALA A 164 -11.43 3.24 5.18
N MET A 165 -11.18 4.55 5.14
CA MET A 165 -11.29 5.31 3.89
C MET A 165 -10.25 4.84 2.86
N LEU A 166 -8.99 4.78 3.27
CA LEU A 166 -7.94 4.27 2.39
C LEU A 166 -8.18 2.83 1.95
N ASN A 167 -8.66 2.01 2.86
CA ASN A 167 -8.97 0.63 2.50
C ASN A 167 -10.02 0.56 1.39
N CYS A 168 -11.07 1.36 1.52
CA CYS A 168 -12.11 1.38 0.50
C CYS A 168 -11.64 1.99 -0.81
N LEU A 169 -10.68 2.89 -0.74
CA LEU A 169 -10.12 3.49 -1.94
C LEU A 169 -9.26 2.52 -2.72
N THR A 170 -8.64 1.59 -2.00
CA THR A 170 -7.64 0.71 -2.60
C THR A 170 -8.07 -0.08 -3.86
N PRO A 171 -9.26 -0.71 -3.86
CA PRO A 171 -9.66 -1.40 -5.09
C PRO A 171 -9.81 -0.48 -6.30
N HIS A 172 -10.15 0.78 -6.07
CA HIS A 172 -10.25 1.74 -7.18
C HIS A 172 -8.89 2.20 -7.65
N LEU A 173 -7.94 2.33 -6.71
CA LEU A 173 -6.54 2.58 -7.09
C LEU A 173 -5.99 1.40 -7.91
N HIS A 174 -6.38 0.19 -7.54
CA HIS A 174 -6.00 -1.03 -8.26
C HIS A 174 -6.48 -0.96 -9.70
N GLN A 175 -7.77 -0.64 -9.89
CA GLN A 175 -8.30 -0.53 -11.27
C GLN A 175 -7.56 0.54 -12.05
N ALA A 176 -7.28 1.67 -11.40
CA ALA A 176 -6.55 2.75 -12.06
C ALA A 176 -5.14 2.30 -12.45
N ALA A 177 -4.46 1.63 -11.53
CA ALA A 177 -3.10 1.17 -11.79
C ALA A 177 -3.06 0.20 -12.97
N ILE A 178 -4.07 -0.65 -13.08
CA ILE A 178 -4.13 -1.57 -14.22
C ILE A 178 -4.31 -0.77 -15.51
N ARG A 179 -5.23 0.20 -15.51
CA ARG A 179 -5.39 1.05 -16.68
C ARG A 179 -4.09 1.73 -17.08
N VAL A 180 -3.36 2.25 -16.09
CA VAL A 180 -2.12 3.00 -16.36
C VAL A 180 -1.01 2.09 -16.88
N ALA A 181 -0.91 0.90 -16.30
CA ALA A 181 0.09 -0.07 -16.75
C ALA A 181 -0.19 -0.52 -18.18
C8 HTF B . 11.16 -1.48 -4.62
C7 HTF B . 9.80 -1.99 -4.20
C6 HTF B . 9.61 -1.90 -2.69
C5 HTF B . 8.20 -2.36 -2.36
C4 HTF B . 7.93 -2.45 -0.87
C3 HTF B . 6.46 -2.80 -0.74
C2 HTF B . 6.12 -3.32 0.64
C1 HTF B . 6.45 -2.31 1.70
O1 HTF B . 5.89 -1.23 1.75
N HTF B . 7.38 -2.71 2.57
CA HTF B . 7.74 -1.86 3.69
C HTF B . 9.08 -1.24 3.53
O HTF B . 9.55 -0.78 2.50
OD HTF B . 9.79 -1.29 4.78
CG HTF B . 8.99 -1.90 5.79
CB HTF B . 7.92 -2.66 4.98
#